data_4C2X
#
_entry.id   4C2X
#
_cell.length_a   49.700
_cell.length_b   72.320
_cell.length_c   114.690
_cell.angle_alpha   90.00
_cell.angle_beta   90.00
_cell.angle_gamma   90.00
#
_symmetry.space_group_name_H-M   'P 21 21 21'
#
loop_
_entity.id
_entity.type
_entity.pdbx_description
1 polymer 'GLYCYLPEPTIDE N-TETRADECANOYLTRANSFERASE 2'
2 non-polymer 'MAGNESIUM ION'
3 non-polymer 2-oxopentadecyl-CoA
4 water water
#
_entity_poly.entity_id   1
_entity_poly.type   'polypeptide(L)'
_entity_poly.pdbx_seq_one_letter_code
;MGSSHHHHHHSSGLEVLFQGPHMDEAAKHRYQFWDTQPVPKLDEVITSHGAIEPDKDNVRQEPYSLPQGFMWDTLDLSDA
EVLKELYTLLNENYVEDDDNMFRFDYSPEFLLWALRPPGWLLQWHCGVRVSSNKKLVGFISAIPANIRIYDSVKKMVEIN
FLCVHKKLRSKRVAPVLIREITRRVNLEGIFQAVYTAGVVLPKPIATCRYWHRSLNPKKLVEVKFSHLSRNMTLQRTMKL
YRLPDVTKTSGLRPMEPKDIKSVRELINTYLKQFHLAPVMDEEEVAHWFLPREHIIDTFVVESPNGKLTDFLSFYTLPST
VMHHPAHKSLKAAYSFYNIHTETPLLDLMSDALILAKSKGFDVFNALDLMENKTFLEKLKFGIGDGNLQYYLYNWRCPGT
DSEKVGLVLQ
;
_entity_poly.pdbx_strand_id   A
#
loop_
_chem_comp.id
_chem_comp.type
_chem_comp.name
_chem_comp.formula
MG non-polymer 'MAGNESIUM ION' 'Mg 2'
NHW non-polymer 2-oxopentadecyl-CoA 'C36 H64 N7 O17 P3 S'
#
# COMPACT_ATOMS: atom_id res chain seq x y z
N MET A 23 -12.90 -11.36 -20.65
CA MET A 23 -12.37 -11.02 -22.00
C MET A 23 -13.16 -9.85 -22.62
N ASP A 24 -14.40 -10.12 -23.03
CA ASP A 24 -15.22 -9.11 -23.66
C ASP A 24 -16.39 -8.82 -22.75
N GLU A 25 -16.72 -9.81 -21.91
CA GLU A 25 -18.06 -10.03 -21.31
C GLU A 25 -18.64 -8.91 -20.43
N ALA A 26 -18.84 -7.71 -20.98
CA ALA A 26 -19.45 -6.57 -20.23
C ALA A 26 -20.92 -6.78 -19.79
N ALA A 27 -21.18 -6.60 -18.48
CA ALA A 27 -22.52 -6.75 -17.88
C ALA A 27 -22.64 -5.78 -16.69
N LYS A 28 -23.67 -5.96 -15.83
CA LYS A 28 -23.87 -5.05 -14.65
C LYS A 28 -24.02 -5.76 -13.28
N HIS A 29 -23.21 -5.34 -12.30
CA HIS A 29 -23.04 -6.05 -11.02
C HIS A 29 -23.97 -5.58 -9.90
N ARG A 30 -24.51 -6.52 -9.11
CA ARG A 30 -25.18 -6.11 -7.89
C ARG A 30 -24.32 -6.40 -6.68
N TYR A 31 -24.15 -5.37 -5.86
CA TYR A 31 -23.32 -5.45 -4.68
C TYR A 31 -24.08 -6.15 -3.58
N GLN A 32 -24.20 -7.45 -3.74
CA GLN A 32 -24.85 -8.28 -2.75
C GLN A 32 -24.37 -7.92 -1.35
N PHE A 33 -23.07 -8.08 -1.08
CA PHE A 33 -22.52 -7.64 0.24
C PHE A 33 -22.44 -6.11 0.43
N TRP A 34 -21.82 -5.41 -0.52
CA TRP A 34 -21.56 -3.96 -0.37
C TRP A 34 -22.81 -3.06 -0.34
N ASP A 35 -23.90 -3.49 -0.97
CA ASP A 35 -25.19 -2.77 -0.89
C ASP A 35 -25.69 -2.59 0.52
N THR A 36 -25.36 -3.57 1.35
CA THR A 36 -25.87 -3.69 2.71
C THR A 36 -25.08 -2.82 3.67
N GLN A 37 -23.87 -2.42 3.25
CA GLN A 37 -22.86 -1.77 4.10
C GLN A 37 -22.92 -0.22 4.09
N PRO A 38 -22.44 0.45 5.20
CA PRO A 38 -22.35 1.92 5.29
C PRO A 38 -21.36 2.57 4.34
N VAL A 39 -21.69 2.63 3.06
CA VAL A 39 -20.81 3.21 2.03
C VAL A 39 -21.71 3.79 0.92
N PRO A 40 -21.20 4.76 0.12
CA PRO A 40 -22.09 5.35 -0.90
C PRO A 40 -22.28 4.43 -2.10
N LYS A 41 -23.50 4.37 -2.63
CA LYS A 41 -23.78 3.68 -3.88
C LYS A 41 -22.82 4.12 -4.99
N LEU A 42 -22.30 3.15 -5.73
CA LEU A 42 -21.47 3.42 -6.89
C LEU A 42 -22.20 4.49 -7.70
N ASP A 43 -21.46 5.51 -8.13
CA ASP A 43 -22.03 6.60 -8.93
C ASP A 43 -23.36 7.26 -8.44
N GLU A 44 -23.49 7.46 -7.11
CA GLU A 44 -24.26 8.57 -6.55
C GLU A 44 -23.34 9.82 -6.61
N VAL A 45 -23.89 11.02 -6.80
CA VAL A 45 -23.06 12.24 -6.87
C VAL A 45 -22.98 12.85 -5.50
N ILE A 46 -21.80 12.82 -4.88
CA ILE A 46 -21.71 13.29 -3.50
C ILE A 46 -21.17 14.71 -3.38
N THR A 47 -21.96 15.56 -2.74
CA THR A 47 -21.64 16.99 -2.55
C THR A 47 -21.56 17.33 -1.05
N SER A 48 -21.63 16.31 -0.21
CA SER A 48 -21.64 16.49 1.23
C SER A 48 -20.33 15.98 1.87
N HIS A 49 -20.16 16.23 3.17
CA HIS A 49 -19.01 15.75 3.94
C HIS A 49 -19.47 15.15 5.27
N GLY A 50 -19.22 13.87 5.51
CA GLY A 50 -19.45 13.34 6.86
C GLY A 50 -19.70 11.85 6.94
N ALA A 51 -19.78 11.32 8.17
CA ALA A 51 -20.15 9.92 8.40
C ALA A 51 -21.51 9.54 7.78
N ILE A 52 -21.49 8.50 6.95
CA ILE A 52 -22.69 7.90 6.36
C ILE A 52 -23.71 7.44 7.41
N GLU A 53 -23.22 7.05 8.59
CA GLU A 53 -24.07 6.64 9.71
C GLU A 53 -23.35 6.89 11.01
N PRO A 54 -24.10 7.11 12.08
CA PRO A 54 -23.45 7.43 13.36
C PRO A 54 -22.86 6.20 14.03
N ASP A 55 -21.96 6.45 14.99
CA ASP A 55 -21.26 5.44 15.79
C ASP A 55 -22.20 4.49 16.52
N LYS A 56 -21.91 3.20 16.43
CA LYS A 56 -22.69 2.17 17.12
C LYS A 56 -22.33 2.09 18.62
N ASP A 57 -23.16 2.72 19.46
CA ASP A 57 -22.93 2.79 20.91
C ASP A 57 -23.16 1.45 21.62
N ASN A 58 -23.88 0.56 20.97
CA ASN A 58 -23.94 -0.84 21.38
C ASN A 58 -23.50 -1.70 20.20
N VAL A 59 -22.48 -2.53 20.43
CA VAL A 59 -21.81 -3.31 19.37
C VAL A 59 -21.82 -4.84 19.64
N ARG A 60 -22.10 -5.63 18.61
CA ARG A 60 -22.12 -7.11 18.68
C ARG A 60 -20.86 -7.71 19.29
N GLN A 61 -21.03 -8.54 20.31
CA GLN A 61 -19.90 -9.11 21.06
C GLN A 61 -19.53 -10.54 20.68
N GLU A 62 -20.27 -11.13 19.75
CA GLU A 62 -20.02 -12.52 19.34
C GLU A 62 -19.58 -12.58 17.87
N PRO A 63 -18.53 -13.39 17.56
CA PRO A 63 -17.97 -13.48 16.21
C PRO A 63 -18.99 -13.99 15.20
N TYR A 64 -18.90 -13.51 13.96
CA TYR A 64 -19.79 -13.96 12.89
C TYR A 64 -19.55 -15.42 12.57
N SER A 65 -20.56 -16.09 12.03
CA SER A 65 -20.50 -17.52 11.81
C SER A 65 -19.72 -17.87 10.56
N LEU A 66 -18.85 -18.86 10.71
CA LEU A 66 -18.06 -19.37 9.58
C LEU A 66 -18.75 -20.60 8.93
N PRO A 67 -18.52 -20.83 7.62
CA PRO A 67 -18.91 -22.11 7.01
C PRO A 67 -18.29 -23.27 7.77
N GLN A 68 -19.04 -24.37 7.88
CA GLN A 68 -18.60 -25.52 8.67
C GLN A 68 -17.26 -26.03 8.17
N GLY A 69 -16.48 -26.58 9.10
CA GLY A 69 -15.11 -27.00 8.84
C GLY A 69 -14.07 -25.90 9.09
N PHE A 70 -14.51 -24.71 9.42
CA PHE A 70 -13.57 -23.56 9.46
C PHE A 70 -13.64 -22.73 10.74
N MET A 71 -12.49 -22.18 11.17
CA MET A 71 -12.48 -21.44 12.44
C MET A 71 -11.67 -20.16 12.52
N TRP A 72 -12.12 -19.32 13.43
CA TRP A 72 -11.45 -18.09 13.78
C TRP A 72 -10.13 -18.36 14.49
N ASP A 73 -9.09 -17.67 14.08
CA ASP A 73 -7.86 -17.63 14.84
C ASP A 73 -7.34 -16.21 14.83
N THR A 74 -6.93 -15.76 16.00
CA THR A 74 -6.23 -14.51 16.13
C THR A 74 -4.79 -14.96 16.00
N LEU A 75 -4.08 -14.43 15.01
CA LEU A 75 -2.72 -14.89 14.80
C LEU A 75 -1.74 -14.12 15.68
N ASP A 76 -0.82 -14.83 16.31
CA ASP A 76 0.27 -14.19 17.03
C ASP A 76 1.50 -14.24 16.15
N LEU A 77 1.90 -13.10 15.62
CA LEU A 77 2.99 -13.08 14.63
C LEU A 77 4.37 -13.17 15.27
N SER A 78 4.42 -12.87 16.56
CA SER A 78 5.60 -13.12 17.38
C SER A 78 5.98 -14.60 17.34
N ASP A 79 4.99 -15.47 17.18
CA ASP A 79 5.24 -16.92 16.97
C ASP A 79 5.74 -17.21 15.56
N ALA A 80 7.03 -17.52 15.48
CA ALA A 80 7.74 -17.74 14.21
C ALA A 80 7.03 -18.68 13.25
N GLU A 81 6.29 -19.66 13.77
CA GLU A 81 5.69 -20.65 12.87
C GLU A 81 4.40 -20.11 12.28
N VAL A 82 3.70 -19.32 13.08
CA VAL A 82 2.49 -18.67 12.64
C VAL A 82 2.80 -17.64 11.52
N LEU A 83 3.86 -16.83 11.69
CA LEU A 83 4.28 -15.84 10.69
C LEU A 83 4.58 -16.51 9.37
N LYS A 84 5.25 -17.65 9.50
CA LYS A 84 5.65 -18.47 8.39
C LYS A 84 4.43 -19.02 7.63
N GLU A 85 3.36 -19.33 8.35
CA GLU A 85 2.14 -19.79 7.76
C GLU A 85 1.56 -18.60 7.05
N LEU A 86 1.43 -17.48 7.75
CA LEU A 86 0.87 -16.27 7.16
C LEU A 86 1.63 -15.89 5.89
N TYR A 87 2.93 -15.89 5.97
CA TYR A 87 3.77 -15.62 4.82
C TYR A 87 3.40 -16.49 3.61
N THR A 88 3.28 -17.80 3.85
CA THR A 88 3.00 -18.82 2.82
C THR A 88 1.60 -18.68 2.25
N LEU A 89 0.62 -18.34 3.10
CA LEU A 89 -0.71 -18.00 2.62
C LEU A 89 -0.64 -16.88 1.55
N LEU A 90 0.18 -15.87 1.80
CA LEU A 90 0.03 -14.67 1.02
C LEU A 90 0.94 -14.88 -0.21
N ASN A 91 2.16 -15.36 0.02
CA ASN A 91 3.02 -15.83 -1.07
C ASN A 91 2.26 -16.60 -2.14
N GLU A 92 1.25 -17.38 -1.73
CA GLU A 92 0.54 -18.29 -2.65
C GLU A 92 -0.87 -17.83 -3.04
N ASN A 93 -1.50 -17.01 -2.21
CA ASN A 93 -2.84 -16.61 -2.56
C ASN A 93 -3.09 -15.10 -2.54
N TYR A 94 -2.05 -14.29 -2.52
CA TYR A 94 -2.31 -12.83 -2.42
C TYR A 94 -2.43 -12.13 -3.80
N VAL A 95 -2.26 -10.79 -3.84
CA VAL A 95 -2.54 -9.97 -5.06
C VAL A 95 -1.70 -10.44 -6.28
N GLU A 96 -2.38 -10.65 -7.40
CA GLU A 96 -1.72 -10.94 -8.68
C GLU A 96 -2.11 -9.89 -9.69
N ASP A 97 -1.27 -9.65 -10.69
CA ASP A 97 -1.65 -8.75 -11.79
C ASP A 97 -2.80 -9.30 -12.67
N ASP A 98 -3.24 -8.50 -13.63
CA ASP A 98 -4.27 -8.88 -14.60
C ASP A 98 -3.88 -10.17 -15.33
N ASP A 99 -2.70 -10.14 -15.92
CA ASP A 99 -2.17 -11.20 -16.76
C ASP A 99 -1.74 -12.42 -15.94
N ASN A 100 -1.48 -12.19 -14.66
CA ASN A 100 -1.16 -13.26 -13.69
C ASN A 100 0.17 -13.94 -14.02
N MET A 101 1.16 -13.10 -14.21
CA MET A 101 2.51 -13.54 -14.40
C MET A 101 3.28 -13.14 -13.13
N PHE A 102 2.65 -12.28 -12.32
CA PHE A 102 3.26 -11.79 -11.07
C PHE A 102 2.39 -11.85 -9.81
N ARG A 103 2.99 -12.22 -8.68
CA ARG A 103 2.31 -12.22 -7.39
C ARG A 103 3.16 -11.58 -6.30
N PHE A 104 2.54 -10.76 -5.45
CA PHE A 104 3.28 -10.09 -4.37
C PHE A 104 4.01 -11.10 -3.46
N ASP A 105 5.28 -10.86 -3.17
CA ASP A 105 6.01 -11.74 -2.28
C ASP A 105 6.44 -10.95 -1.04
N TYR A 106 5.44 -10.56 -0.23
CA TYR A 106 5.68 -9.84 1.01
C TYR A 106 6.54 -10.69 1.95
N SER A 107 7.72 -10.17 2.32
CA SER A 107 8.60 -10.91 3.23
C SER A 107 8.01 -10.99 4.63
N PRO A 108 8.39 -12.01 5.40
CA PRO A 108 7.97 -12.22 6.80
C PRO A 108 8.30 -11.01 7.70
N GLU A 109 9.47 -10.41 7.51
CA GLU A 109 9.85 -9.22 8.28
C GLU A 109 9.12 -7.95 7.81
N PHE A 110 8.90 -7.84 6.51
CA PHE A 110 8.07 -6.76 5.96
C PHE A 110 6.71 -6.84 6.59
N LEU A 111 6.11 -8.01 6.57
CA LEU A 111 4.83 -8.20 7.32
C LEU A 111 4.89 -7.78 8.82
N LEU A 112 6.01 -8.00 9.50
CA LEU A 112 6.14 -7.64 10.90
C LEU A 112 6.18 -6.14 11.04
N TRP A 113 6.76 -5.47 10.05
CA TRP A 113 6.83 -4.02 10.07
C TRP A 113 5.46 -3.38 9.84
N ALA A 114 4.80 -3.85 8.77
CA ALA A 114 3.49 -3.38 8.32
C ALA A 114 2.34 -3.61 9.33
N LEU A 115 2.38 -4.75 10.02
CA LEU A 115 1.31 -5.18 10.92
C LEU A 115 1.44 -4.78 12.41
N ARG A 116 2.61 -4.26 12.80
CA ARG A 116 2.88 -3.89 14.19
CA ARG A 116 2.90 -3.90 14.19
C ARG A 116 3.44 -2.47 14.31
N PRO A 117 2.67 -1.47 13.83
CA PRO A 117 3.01 -0.07 14.11
C PRO A 117 2.54 0.30 15.52
N PRO A 118 2.74 1.57 15.96
CA PRO A 118 2.26 2.02 17.27
C PRO A 118 0.73 2.05 17.30
N GLY A 119 0.16 1.47 18.35
CA GLY A 119 -1.28 1.39 18.51
C GLY A 119 -1.85 0.05 18.07
N TRP A 120 -1.01 -0.77 17.44
CA TRP A 120 -1.45 -2.08 16.96
C TRP A 120 -1.99 -2.96 18.09
N LEU A 121 -3.07 -3.72 17.81
CA LEU A 121 -3.69 -4.72 18.70
C LEU A 121 -3.73 -6.08 18.00
N LEU A 122 -3.42 -7.14 18.72
CA LEU A 122 -3.33 -8.48 18.17
C LEU A 122 -4.71 -9.05 17.71
N GLN A 123 -5.80 -8.56 18.30
CA GLN A 123 -7.13 -9.00 17.97
C GLN A 123 -7.48 -8.48 16.59
N TRP A 124 -6.53 -7.76 15.98
CA TRP A 124 -6.72 -7.15 14.68
C TRP A 124 -5.95 -7.88 13.57
N HIS A 125 -5.34 -8.99 13.97
CA HIS A 125 -4.67 -9.89 13.08
C HIS A 125 -5.50 -11.17 12.92
N CYS A 126 -6.51 -11.11 12.05
CA CYS A 126 -7.66 -12.04 12.03
C CYS A 126 -7.50 -13.12 10.98
N GLY A 127 -7.35 -14.37 11.42
CA GLY A 127 -7.11 -15.50 10.52
C GLY A 127 -8.31 -16.45 10.41
N VAL A 128 -8.33 -17.30 9.39
CA VAL A 128 -9.34 -18.33 9.25
C VAL A 128 -8.61 -19.63 9.02
N ARG A 129 -8.91 -20.64 9.82
CA ARG A 129 -8.18 -21.89 9.71
C ARG A 129 -9.07 -23.11 9.44
N VAL A 130 -8.48 -24.18 8.92
CA VAL A 130 -9.25 -25.40 8.68
C VAL A 130 -9.44 -26.11 10.02
N SER A 131 -10.65 -26.13 10.54
CA SER A 131 -10.92 -26.84 11.81
C SER A 131 -10.13 -28.15 12.03
N SER A 132 -10.07 -29.03 11.04
CA SER A 132 -9.42 -30.32 11.28
C SER A 132 -7.90 -30.32 11.23
N ASN A 133 -7.31 -29.90 10.12
CA ASN A 133 -5.85 -29.98 9.98
C ASN A 133 -5.20 -28.65 10.24
N LYS A 134 -5.99 -27.68 10.71
CA LYS A 134 -5.45 -26.33 11.07
C LYS A 134 -4.75 -25.50 9.94
N LYS A 135 -4.98 -25.84 8.67
CA LYS A 135 -4.36 -25.10 7.54
C LYS A 135 -4.92 -23.69 7.48
N LEU A 136 -4.04 -22.69 7.56
CA LEU A 136 -4.44 -21.28 7.43
C LEU A 136 -4.96 -21.04 6.00
N VAL A 137 -6.20 -20.54 5.88
CA VAL A 137 -6.81 -20.36 4.58
C VAL A 137 -7.43 -18.96 4.39
N GLY A 138 -7.38 -18.13 5.44
CA GLY A 138 -7.95 -16.77 5.36
C GLY A 138 -7.21 -15.80 6.27
N PHE A 139 -7.27 -14.49 5.98
CA PHE A 139 -6.65 -13.44 6.79
C PHE A 139 -7.14 -12.08 6.40
N ILE A 140 -7.31 -11.22 7.41
CA ILE A 140 -7.61 -9.78 7.23
C ILE A 140 -6.94 -9.09 8.41
N SER A 141 -6.49 -7.85 8.24
CA SER A 141 -5.73 -7.14 9.30
C SER A 141 -6.18 -5.69 9.38
N ALA A 142 -6.04 -5.09 10.55
CA ALA A 142 -6.29 -3.66 10.75
C ALA A 142 -5.20 -3.12 11.67
N ILE A 143 -4.92 -1.82 11.52
CA ILE A 143 -3.94 -1.08 12.29
C ILE A 143 -4.44 0.39 12.40
N PRO A 144 -4.26 1.01 13.57
CA PRO A 144 -4.76 2.35 13.85
C PRO A 144 -4.04 3.48 13.13
N ALA A 145 -4.79 4.54 12.77
CA ALA A 145 -4.20 5.72 12.15
C ALA A 145 -5.13 6.93 12.23
N ASN A 146 -4.53 8.12 12.44
CA ASN A 146 -5.26 9.35 12.39
C ASN A 146 -5.30 9.90 10.98
N ILE A 147 -6.50 10.08 10.44
CA ILE A 147 -6.67 10.30 8.97
C ILE A 147 -7.48 11.55 8.67
N ARG A 148 -6.96 12.36 7.74
CA ARG A 148 -7.48 13.68 7.48
C ARG A 148 -8.23 13.60 6.17
N ILE A 149 -9.54 13.54 6.24
CA ILE A 149 -10.30 13.68 5.00
C ILE A 149 -10.86 15.12 4.90
N TYR A 150 -10.36 15.91 3.93
CA TYR A 150 -10.58 17.37 3.84
C TYR A 150 -10.32 18.07 5.19
N ASP A 151 -11.37 18.54 5.87
CA ASP A 151 -11.17 19.25 7.13
C ASP A 151 -11.37 18.38 8.35
N SER A 152 -11.72 17.12 8.14
CA SER A 152 -12.01 16.23 9.26
C SER A 152 -10.88 15.25 9.49
N VAL A 153 -10.20 15.38 10.62
CA VAL A 153 -9.18 14.38 10.99
C VAL A 153 -9.81 13.38 11.94
N LYS A 154 -9.86 12.11 11.54
CA LYS A 154 -10.60 11.07 12.29
C LYS A 154 -9.68 9.96 12.68
N LYS A 155 -9.89 9.39 13.87
CA LYS A 155 -9.29 8.12 14.24
C LYS A 155 -9.89 7.07 13.32
N MET A 156 -9.09 6.46 12.45
CA MET A 156 -9.59 5.36 11.65
C MET A 156 -8.69 4.18 11.86
N VAL A 157 -8.95 3.09 11.12
CA VAL A 157 -7.95 2.05 10.93
C VAL A 157 -7.68 1.97 9.44
N GLU A 158 -6.55 1.35 9.10
CA GLU A 158 -6.26 1.06 7.72
C GLU A 158 -6.41 -0.42 7.68
N ILE A 159 -7.09 -0.90 6.64
CA ILE A 159 -7.32 -2.34 6.47
C ILE A 159 -6.45 -2.88 5.35
N ASN A 160 -5.77 -4.00 5.64
CA ASN A 160 -4.88 -4.58 4.67
C ASN A 160 -4.80 -6.09 4.74
N PHE A 161 -4.26 -6.67 3.68
CA PHE A 161 -4.00 -8.11 3.64
C PHE A 161 -5.26 -8.99 3.70
N LEU A 162 -6.37 -8.54 3.13
CA LEU A 162 -7.50 -9.42 2.90
C LEU A 162 -7.04 -10.53 1.95
N CYS A 163 -7.24 -11.80 2.34
CA CYS A 163 -6.80 -12.95 1.50
C CYS A 163 -7.58 -14.18 1.88
N VAL A 164 -8.07 -14.89 0.86
CA VAL A 164 -8.81 -16.14 0.99
C VAL A 164 -8.08 -17.12 0.06
N HIS A 165 -7.87 -18.36 0.54
CA HIS A 165 -7.12 -19.36 -0.23
C HIS A 165 -7.77 -19.60 -1.60
N LYS A 166 -6.95 -19.79 -2.62
CA LYS A 166 -7.48 -20.08 -3.94
C LYS A 166 -8.61 -21.14 -3.94
N LYS A 167 -8.38 -22.30 -3.33
CA LYS A 167 -9.48 -23.30 -3.21
C LYS A 167 -10.77 -22.74 -2.63
N LEU A 168 -10.70 -21.78 -1.71
CA LEU A 168 -11.89 -21.29 -1.02
C LEU A 168 -12.57 -20.06 -1.68
N ARG A 169 -11.98 -19.58 -2.80
CA ARG A 169 -12.55 -18.48 -3.55
C ARG A 169 -13.99 -18.79 -3.88
N SER A 170 -14.79 -17.72 -3.85
CA SER A 170 -16.18 -17.62 -4.34
C SER A 170 -17.21 -18.39 -3.53
N LYS A 171 -17.00 -18.41 -2.22
CA LYS A 171 -17.90 -19.06 -1.26
C LYS A 171 -18.33 -18.05 -0.20
N ARG A 172 -18.24 -16.75 -0.51
CA ARG A 172 -18.62 -15.68 0.40
C ARG A 172 -17.85 -15.63 1.73
N VAL A 173 -16.61 -16.07 1.73
CA VAL A 173 -15.77 -15.96 2.94
C VAL A 173 -15.19 -14.52 3.17
N ALA A 174 -14.95 -13.78 2.09
CA ALA A 174 -14.40 -12.43 2.17
C ALA A 174 -15.37 -11.53 2.93
N PRO A 175 -16.68 -11.61 2.64
CA PRO A 175 -17.59 -10.80 3.46
C PRO A 175 -17.66 -11.21 4.93
N VAL A 176 -17.28 -12.44 5.28
CA VAL A 176 -17.31 -12.89 6.70
C VAL A 176 -16.15 -12.15 7.43
N LEU A 177 -14.99 -12.19 6.81
CA LEU A 177 -13.80 -11.57 7.36
C LEU A 177 -13.96 -10.07 7.47
N ILE A 178 -14.65 -9.46 6.50
CA ILE A 178 -14.82 -8.02 6.49
C ILE A 178 -15.79 -7.53 7.58
N ARG A 179 -16.88 -8.27 7.73
CA ARG A 179 -17.82 -8.08 8.85
C ARG A 179 -17.11 -8.29 10.18
N GLU A 180 -16.32 -9.35 10.27
CA GLU A 180 -15.68 -9.69 11.52
C GLU A 180 -14.67 -8.59 11.95
N ILE A 181 -13.79 -8.20 11.02
CA ILE A 181 -12.86 -7.13 11.30
C ILE A 181 -13.64 -5.80 11.57
N THR A 182 -14.75 -5.55 10.86
CA THR A 182 -15.63 -4.39 11.15
C THR A 182 -16.12 -4.49 12.56
N ARG A 183 -16.37 -5.70 13.02
CA ARG A 183 -16.81 -5.86 14.39
C ARG A 183 -15.71 -5.57 15.43
N ARG A 184 -14.56 -6.23 15.31
CA ARG A 184 -13.46 -6.05 16.29
C ARG A 184 -12.85 -4.65 16.36
N VAL A 185 -12.96 -3.88 15.27
CA VAL A 185 -12.55 -2.45 15.23
C VAL A 185 -13.61 -1.54 15.92
N ASN A 186 -14.89 -1.78 15.62
CA ASN A 186 -16.01 -1.07 16.24
C ASN A 186 -16.00 -1.15 17.79
N LEU A 187 -15.71 -2.36 18.31
CA LEU A 187 -15.41 -2.62 19.73
C LEU A 187 -14.51 -1.62 20.37
N GLU A 188 -13.60 -1.04 19.59
CA GLU A 188 -12.47 -0.28 20.13
C GLU A 188 -12.71 1.19 20.00
N GLY A 189 -13.85 1.54 19.43
CA GLY A 189 -14.28 2.91 19.35
C GLY A 189 -13.93 3.52 18.01
N ILE A 190 -13.67 2.69 17.01
CA ILE A 190 -13.39 3.19 15.67
C ILE A 190 -14.52 2.77 14.73
N PHE A 191 -14.90 3.68 13.85
CA PHE A 191 -16.14 3.57 13.11
C PHE A 191 -15.91 4.05 11.68
N GLN A 192 -14.64 4.39 11.39
CA GLN A 192 -14.20 4.79 10.06
C GLN A 192 -12.96 4.01 9.66
N ALA A 193 -12.75 3.83 8.37
CA ALA A 193 -11.57 3.14 7.92
C ALA A 193 -11.24 3.55 6.54
N VAL A 194 -10.00 3.27 6.16
CA VAL A 194 -9.50 3.56 4.83
C VAL A 194 -8.87 2.29 4.25
N TYR A 195 -9.00 2.13 2.94
CA TYR A 195 -8.52 0.89 2.37
C TYR A 195 -8.41 1.12 0.90
N THR A 196 -7.52 0.39 0.24
CA THR A 196 -7.40 0.50 -1.18
C THR A 196 -7.64 -0.91 -1.74
N ALA A 197 -7.98 -0.99 -3.03
CA ALA A 197 -8.18 -2.24 -3.74
C ALA A 197 -8.09 -1.95 -5.24
N GLY A 198 -7.75 -2.98 -6.01
CA GLY A 198 -7.46 -2.81 -7.42
C GLY A 198 -8.70 -3.01 -8.26
N VAL A 199 -9.86 -3.05 -7.63
CA VAL A 199 -11.09 -3.40 -8.29
C VAL A 199 -12.12 -2.44 -7.80
N VAL A 200 -13.16 -2.26 -8.59
CA VAL A 200 -14.15 -1.22 -8.35
C VAL A 200 -15.23 -1.71 -7.39
N LEU A 201 -15.46 -0.95 -6.35
CA LEU A 201 -16.49 -1.22 -5.33
C LEU A 201 -17.20 0.09 -5.00
N PRO A 202 -18.32 0.05 -4.26
CA PRO A 202 -18.86 1.33 -3.86
C PRO A 202 -18.11 1.88 -2.63
N LYS A 203 -17.58 3.12 -2.68
CA LYS A 203 -17.41 3.96 -3.89
C LYS A 203 -16.03 4.64 -3.83
N PRO A 204 -15.28 4.64 -4.95
CA PRO A 204 -13.94 5.28 -4.94
C PRO A 204 -13.97 6.78 -4.63
N ILE A 205 -13.24 7.20 -3.61
CA ILE A 205 -12.94 8.62 -3.43
C ILE A 205 -12.08 9.11 -4.56
N ALA A 206 -11.18 8.24 -5.02
CA ALA A 206 -10.20 8.61 -6.01
C ALA A 206 -9.64 7.36 -6.64
N THR A 207 -9.02 7.56 -7.78
CA THR A 207 -8.51 6.46 -8.56
C THR A 207 -7.11 6.88 -8.94
N CYS A 208 -6.13 6.09 -8.49
CA CYS A 208 -4.75 6.33 -8.85
C CYS A 208 -4.33 5.29 -9.87
N ARG A 209 -3.19 5.51 -10.49
CA ARG A 209 -2.70 4.65 -11.52
C ARG A 209 -1.24 4.40 -11.18
N TYR A 210 -0.83 3.13 -11.24
CA TYR A 210 0.58 2.80 -11.01
CA TYR A 210 0.57 2.76 -11.03
C TYR A 210 1.41 3.15 -12.24
N TRP A 211 2.60 3.68 -11.99
CA TRP A 211 3.57 3.94 -13.03
C TRP A 211 4.79 3.16 -12.67
N HIS A 212 5.54 2.76 -13.68
CA HIS A 212 6.77 2.03 -13.44
CA HIS A 212 6.77 1.97 -13.52
C HIS A 212 7.99 2.69 -14.09
N ARG A 213 9.12 2.66 -13.39
CA ARG A 213 10.36 3.20 -13.94
C ARG A 213 11.38 2.08 -14.01
N SER A 214 11.78 1.68 -15.23
CA SER A 214 12.85 0.68 -15.40
C SER A 214 14.12 1.17 -14.76
N LEU A 215 14.69 0.32 -13.91
CA LEU A 215 16.02 0.52 -13.42
C LEU A 215 16.91 -0.55 -14.11
N ASN A 216 16.35 -1.72 -14.37
CA ASN A 216 17.11 -2.77 -15.06
C ASN A 216 16.32 -3.39 -16.22
N PRO A 217 16.38 -2.78 -17.43
CA PRO A 217 15.40 -3.14 -18.45
C PRO A 217 15.64 -4.51 -19.09
N LYS A 218 16.85 -5.06 -18.98
CA LYS A 218 17.10 -6.39 -19.54
C LYS A 218 16.33 -7.46 -18.79
N LYS A 219 16.55 -7.54 -17.47
CA LYS A 219 15.76 -8.45 -16.64
C LYS A 219 14.26 -8.21 -16.76
N LEU A 220 13.82 -6.95 -16.83
CA LEU A 220 12.40 -6.67 -17.06
C LEU A 220 11.88 -7.25 -18.37
N VAL A 221 12.73 -7.25 -19.40
CA VAL A 221 12.35 -7.82 -20.68
C VAL A 221 12.35 -9.35 -20.64
N GLU A 222 13.44 -9.97 -20.17
CA GLU A 222 13.46 -11.44 -20.07
C GLU A 222 12.28 -12.00 -19.24
N VAL A 223 11.94 -11.30 -18.15
CA VAL A 223 10.76 -11.68 -17.32
C VAL A 223 9.44 -11.27 -17.99
N LYS A 224 9.52 -10.48 -19.05
CA LYS A 224 8.33 -10.14 -19.86
C LYS A 224 7.43 -9.14 -19.16
N PHE A 225 8.05 -8.32 -18.32
CA PHE A 225 7.34 -7.29 -17.55
C PHE A 225 7.19 -6.04 -18.41
N SER A 226 8.24 -5.77 -19.18
CA SER A 226 8.20 -4.92 -20.37
C SER A 226 8.83 -5.80 -21.47
N HIS A 227 8.26 -5.96 -22.69
CA HIS A 227 7.66 -4.92 -23.61
C HIS A 227 8.63 -3.92 -24.33
N LEU A 228 9.61 -4.47 -25.09
CA LEU A 228 10.47 -3.61 -25.92
C LEU A 228 9.64 -2.97 -27.03
N SER A 229 9.61 -1.64 -27.04
CA SER A 229 8.69 -0.89 -27.92
C SER A 229 9.10 -0.99 -29.39
N ARG A 230 8.69 -2.09 -30.01
CA ARG A 230 8.95 -2.37 -31.41
C ARG A 230 8.73 -1.17 -32.37
N ASN A 231 9.79 -0.81 -33.10
CA ASN A 231 11.10 -1.40 -32.89
C ASN A 231 12.00 -0.56 -32.01
N MET A 232 12.69 -1.27 -31.13
CA MET A 232 13.64 -0.73 -30.20
C MET A 232 14.59 -1.87 -29.90
N THR A 233 15.90 -1.63 -29.99
CA THR A 233 16.89 -2.62 -29.58
C THR A 233 16.89 -2.70 -28.07
N LEU A 234 17.61 -3.67 -27.52
CA LEU A 234 17.80 -3.66 -26.10
C LEU A 234 18.75 -2.54 -25.72
N GLN A 235 19.82 -2.42 -26.52
CA GLN A 235 20.92 -1.53 -26.25
C GLN A 235 20.44 -0.09 -26.10
N ARG A 236 19.44 0.27 -26.89
CA ARG A 236 18.92 1.63 -26.92
C ARG A 236 18.05 1.88 -25.71
N THR A 237 17.30 0.85 -25.31
CA THR A 237 16.52 0.90 -24.07
C THR A 237 17.45 1.10 -22.87
N MET A 238 18.39 0.17 -22.69
CA MET A 238 19.36 0.24 -21.58
C MET A 238 19.97 1.64 -21.49
N LYS A 239 20.32 2.19 -22.65
CA LYS A 239 20.93 3.51 -22.76
C LYS A 239 19.98 4.65 -22.41
N LEU A 240 18.68 4.48 -22.68
CA LEU A 240 17.70 5.50 -22.28
C LEU A 240 17.52 5.59 -20.76
N TYR A 241 17.51 4.43 -20.10
CA TYR A 241 17.23 4.37 -18.67
C TYR A 241 18.47 4.44 -17.85
N ARG A 242 19.57 4.78 -18.51
CA ARG A 242 20.85 4.87 -17.86
C ARG A 242 20.74 5.81 -16.69
N LEU A 243 21.26 5.37 -15.56
CA LEU A 243 21.37 6.24 -14.41
C LEU A 243 22.80 6.37 -13.98
N PRO A 244 23.14 7.53 -13.39
CA PRO A 244 24.41 7.76 -12.71
C PRO A 244 24.61 6.75 -11.58
N ASP A 245 25.80 6.72 -10.97
CA ASP A 245 26.13 5.71 -9.94
C ASP A 245 26.04 6.29 -8.55
N VAL A 246 25.96 7.62 -8.51
CA VAL A 246 26.08 8.37 -7.30
C VAL A 246 25.05 9.51 -7.27
N THR A 247 24.56 9.83 -6.07
CA THR A 247 23.50 10.81 -5.92
C THR A 247 24.05 12.20 -5.95
N LYS A 248 23.18 13.15 -6.32
CA LYS A 248 23.49 14.58 -6.49
C LYS A 248 23.31 15.47 -5.26
N THR A 249 22.16 15.38 -4.57
CA THR A 249 21.81 16.34 -3.50
C THR A 249 22.83 16.45 -2.36
N SER A 250 23.30 17.66 -2.11
CA SER A 250 24.15 17.90 -0.98
C SER A 250 23.39 17.72 0.32
N GLY A 251 23.92 16.88 1.21
CA GLY A 251 23.37 16.69 2.54
C GLY A 251 22.62 15.38 2.65
N LEU A 252 22.45 14.72 1.51
CA LEU A 252 21.64 13.50 1.39
C LEU A 252 22.24 12.31 2.11
N ARG A 253 21.48 11.71 3.03
CA ARG A 253 21.95 10.55 3.79
C ARG A 253 20.82 9.74 4.45
N PRO A 254 21.12 8.54 4.94
CA PRO A 254 20.02 7.83 5.59
C PRO A 254 19.51 8.57 6.80
N MET A 255 18.30 8.26 7.20
CA MET A 255 17.70 8.86 8.37
C MET A 255 18.29 8.08 9.54
N GLU A 256 18.50 8.75 10.69
CA GLU A 256 18.93 8.10 11.96
C GLU A 256 17.99 8.54 13.07
N PRO A 257 18.01 7.85 14.25
CA PRO A 257 17.05 8.22 15.31
C PRO A 257 16.94 9.73 15.58
N LYS A 258 18.06 10.43 15.70
CA LYS A 258 18.05 11.89 15.98
C LYS A 258 17.13 12.71 15.04
N ASP A 259 16.82 12.19 13.86
CA ASP A 259 16.01 12.93 12.87
C ASP A 259 14.49 12.82 13.18
N ILE A 260 14.12 11.90 14.06
CA ILE A 260 12.69 11.52 14.18
C ILE A 260 11.81 12.76 14.25
N LYS A 261 12.11 13.61 15.23
CA LYS A 261 11.40 14.87 15.48
C LYS A 261 11.27 15.78 14.26
N SER A 262 12.37 16.03 13.55
CA SER A 262 12.27 16.92 12.37
C SER A 262 11.54 16.28 11.19
N VAL A 263 11.64 14.96 11.06
CA VAL A 263 10.85 14.23 10.02
C VAL A 263 9.33 14.36 10.24
N ARG A 264 8.86 14.00 11.44
CA ARG A 264 7.48 14.33 11.84
C ARG A 264 6.99 15.72 11.38
N GLU A 265 7.76 16.76 11.71
CA GLU A 265 7.34 18.14 11.54
C GLU A 265 7.25 18.41 10.06
N LEU A 266 8.25 17.92 9.36
CA LEU A 266 8.33 18.09 7.93
C LEU A 266 7.17 17.35 7.27
N ILE A 267 6.75 16.22 7.82
CA ILE A 267 5.73 15.47 7.05
C ILE A 267 4.32 15.98 7.32
N ASN A 268 4.03 16.35 8.56
CA ASN A 268 2.72 16.87 8.92
C ASN A 268 2.40 18.22 8.31
N THR A 269 3.43 19.04 8.09
CA THR A 269 3.36 20.31 7.36
C THR A 269 3.12 20.06 5.88
N TYR A 270 3.96 19.23 5.25
CA TYR A 270 3.84 18.98 3.79
C TYR A 270 2.48 18.37 3.36
N LEU A 271 1.90 17.59 4.26
CA LEU A 271 0.70 16.82 3.98
C LEU A 271 -0.55 17.67 4.07
N LYS A 272 -0.43 18.84 4.70
CA LYS A 272 -1.52 19.81 4.75
C LYS A 272 -2.19 20.10 3.41
N GLN A 273 -1.42 20.12 2.32
CA GLN A 273 -1.97 20.45 0.99
C GLN A 273 -2.94 19.45 0.33
N PHE A 274 -3.02 18.24 0.87
CA PHE A 274 -3.73 17.14 0.22
C PHE A 274 -5.06 16.90 0.90
N HIS A 275 -6.07 16.51 0.12
CA HIS A 275 -7.38 16.19 0.66
C HIS A 275 -7.41 14.93 1.58
N LEU A 276 -6.58 13.91 1.29
CA LEU A 276 -6.44 12.70 2.14
C LEU A 276 -5.00 12.46 2.60
N ALA A 277 -4.79 12.34 3.92
CA ALA A 277 -3.43 12.30 4.49
C ALA A 277 -3.46 11.80 5.93
N PRO A 278 -2.45 11.00 6.36
CA PRO A 278 -2.39 10.68 7.78
C PRO A 278 -1.79 11.85 8.55
N VAL A 279 -1.95 11.82 9.86
CA VAL A 279 -1.38 12.80 10.75
C VAL A 279 -0.58 11.95 11.74
N MET A 280 0.75 12.03 11.68
CA MET A 280 1.59 11.14 12.49
C MET A 280 2.28 11.81 13.65
N ASP A 281 2.43 11.08 14.73
CA ASP A 281 3.17 11.51 15.91
C ASP A 281 4.62 11.09 15.67
N GLU A 282 5.43 11.02 16.72
CA GLU A 282 6.83 10.66 16.54
C GLU A 282 7.08 9.18 16.64
N GLU A 283 6.26 8.50 17.43
CA GLU A 283 6.41 7.04 17.64
C GLU A 283 6.10 6.34 16.30
N GLU A 284 5.13 6.89 15.56
CA GLU A 284 4.73 6.47 14.21
C GLU A 284 5.78 6.82 13.17
N VAL A 285 6.27 8.06 13.20
CA VAL A 285 7.40 8.47 12.37
C VAL A 285 8.63 7.53 12.49
N ALA A 286 8.91 7.05 13.68
CA ALA A 286 10.10 6.25 13.82
C ALA A 286 9.77 4.88 13.26
N HIS A 287 8.52 4.45 13.47
CA HIS A 287 8.12 3.14 12.99
C HIS A 287 8.21 3.05 11.48
N TRP A 288 7.55 4.01 10.82
CA TRP A 288 7.41 3.98 9.37
C TRP A 288 8.61 4.35 8.54
N PHE A 289 9.51 5.17 9.10
CA PHE A 289 10.64 5.71 8.33
C PHE A 289 12.08 5.25 8.69
N LEU A 290 12.37 4.86 9.94
CA LEU A 290 13.75 4.41 10.23
C LEU A 290 14.11 3.30 9.29
N PRO A 291 15.21 3.46 8.52
CA PRO A 291 15.63 2.41 7.59
C PRO A 291 15.61 1.02 8.25
N ARG A 292 15.12 0.03 7.54
CA ARG A 292 15.27 -1.39 7.86
C ARG A 292 15.59 -1.97 6.51
N GLU A 293 16.72 -2.68 6.49
CA GLU A 293 17.24 -3.36 5.31
C GLU A 293 16.19 -4.25 4.69
N HIS A 294 15.99 -4.13 3.38
CA HIS A 294 14.99 -4.93 2.58
C HIS A 294 13.53 -4.76 3.02
N ILE A 295 13.23 -3.66 3.71
CA ILE A 295 11.86 -3.31 4.12
C ILE A 295 11.57 -1.84 3.78
N ILE A 296 12.33 -0.91 4.36
CA ILE A 296 12.08 0.51 4.17
C ILE A 296 13.38 1.30 4.13
N ASP A 297 13.51 2.17 3.12
CA ASP A 297 14.64 3.07 3.01
C ASP A 297 14.17 4.48 3.09
N THR A 298 14.83 5.26 3.95
CA THR A 298 14.56 6.71 4.04
C THR A 298 15.85 7.50 4.02
N PHE A 299 15.96 8.44 3.10
CA PHE A 299 17.11 9.30 3.00
C PHE A 299 16.68 10.74 3.25
N VAL A 300 17.34 11.39 4.20
CA VAL A 300 17.08 12.79 4.55
C VAL A 300 18.12 13.72 3.89
N VAL A 301 17.69 14.95 3.56
CA VAL A 301 18.61 16.00 3.11
C VAL A 301 18.90 16.96 4.26
N GLU A 302 20.15 16.99 4.67
CA GLU A 302 20.58 17.89 5.73
C GLU A 302 21.10 19.17 5.10
N SER A 303 20.40 20.27 5.41
CA SER A 303 20.73 21.61 4.88
C SER A 303 22.06 22.07 5.45
N PRO A 304 22.81 22.91 4.67
CA PRO A 304 24.26 23.11 4.80
C PRO A 304 24.79 23.19 6.24
N ASN A 305 23.93 23.60 7.17
CA ASN A 305 24.25 23.61 8.60
C ASN A 305 24.09 22.23 9.31
N GLY A 306 22.84 21.88 9.64
CA GLY A 306 22.50 20.63 10.35
C GLY A 306 21.01 20.32 10.39
N LYS A 307 20.20 21.23 9.87
CA LYS A 307 18.75 21.12 9.93
C LYS A 307 18.17 20.50 8.64
N LEU A 308 17.14 19.67 8.80
CA LEU A 308 16.60 18.83 7.74
C LEU A 308 15.58 19.59 6.89
N THR A 309 15.67 19.46 5.59
CA THR A 309 14.80 20.19 4.67
C THR A 309 13.97 19.28 3.73
N ASP A 310 14.41 18.02 3.59
CA ASP A 310 13.74 17.09 2.68
C ASP A 310 13.99 15.64 3.05
N PHE A 311 13.05 14.77 2.71
CA PHE A 311 13.30 13.34 2.75
C PHE A 311 12.52 12.57 1.69
N LEU A 312 13.17 11.56 1.13
CA LEU A 312 12.57 10.58 0.26
C LEU A 312 12.57 9.25 1.00
N SER A 313 11.60 8.40 0.67
CA SER A 313 11.50 7.09 1.24
C SER A 313 10.93 6.19 0.18
N PHE A 314 11.15 4.88 0.39
CA PHE A 314 10.58 3.89 -0.49
C PHE A 314 10.68 2.54 0.16
N TYR A 315 9.68 1.72 -0.08
CA TYR A 315 9.65 0.40 0.50
C TYR A 315 9.98 -0.74 -0.46
N THR A 316 10.35 -1.90 0.08
CA THR A 316 10.74 -3.09 -0.69
C THR A 316 9.65 -4.17 -0.79
N LEU A 317 9.23 -4.48 -2.01
CA LEU A 317 8.23 -5.52 -2.23
C LEU A 317 8.51 -6.34 -3.50
N PRO A 318 9.10 -7.53 -3.34
CA PRO A 318 9.37 -8.30 -4.55
C PRO A 318 8.14 -9.01 -5.02
N SER A 319 8.12 -9.33 -6.31
CA SER A 319 7.01 -10.11 -6.79
C SER A 319 7.53 -11.45 -7.30
N THR A 320 6.81 -12.52 -6.97
CA THR A 320 6.96 -13.79 -7.66
C THR A 320 6.60 -13.69 -9.16
N VAL A 321 7.57 -14.03 -10.02
CA VAL A 321 7.28 -14.29 -11.44
C VAL A 321 6.79 -15.73 -11.62
N MET A 322 5.51 -15.86 -11.95
CA MET A 322 4.87 -17.16 -12.14
C MET A 322 5.26 -17.68 -13.51
N HIS A 323 5.34 -19.01 -13.63
CA HIS A 323 5.68 -19.66 -14.90
C HIS A 323 6.75 -18.94 -15.75
N HIS A 324 8.01 -19.00 -15.29
CA HIS A 324 9.09 -18.51 -16.12
C HIS A 324 10.34 -19.33 -15.81
N PRO A 325 11.20 -19.57 -16.83
CA PRO A 325 12.47 -20.26 -16.58
C PRO A 325 13.61 -19.41 -15.95
N ALA A 326 13.85 -18.21 -16.49
CA ALA A 326 15.03 -17.36 -16.12
C ALA A 326 15.12 -16.97 -14.64
N HIS A 327 14.13 -16.20 -14.18
CA HIS A 327 14.10 -15.71 -12.80
C HIS A 327 12.75 -16.01 -12.15
N LYS A 328 12.77 -16.19 -10.84
CA LYS A 328 11.56 -16.41 -10.08
C LYS A 328 11.10 -15.17 -9.32
N SER A 329 12.00 -14.20 -9.13
CA SER A 329 11.65 -12.96 -8.41
C SER A 329 12.13 -11.65 -9.02
N LEU A 330 11.19 -10.73 -9.15
CA LEU A 330 11.40 -9.37 -9.63
C LEU A 330 11.46 -8.47 -8.41
N LYS A 331 12.57 -7.75 -8.25
CA LYS A 331 12.76 -6.80 -7.15
C LYS A 331 12.27 -5.35 -7.42
N ALA A 332 11.25 -4.92 -6.69
CA ALA A 332 10.58 -3.61 -6.87
C ALA A 332 10.75 -2.67 -5.68
N ALA A 333 10.94 -1.38 -5.97
CA ALA A 333 10.87 -0.35 -4.92
C ALA A 333 9.55 0.36 -5.06
N TYR A 334 8.84 0.59 -3.93
CA TYR A 334 7.66 1.40 -3.99
C TYR A 334 7.87 2.79 -3.40
N SER A 335 7.73 3.82 -4.22
CA SER A 335 7.63 5.17 -3.66
C SER A 335 6.65 5.16 -2.46
N PHE A 336 7.06 5.77 -1.34
CA PHE A 336 6.30 5.87 -0.10
C PHE A 336 5.93 7.38 0.14
N TYR A 337 6.53 8.10 1.11
CA TYR A 337 6.38 9.60 1.21
C TYR A 337 7.68 10.32 0.96
N ASN A 338 7.63 11.24 0.00
CA ASN A 338 8.74 12.09 -0.34
C ASN A 338 8.43 13.60 -0.11
N ILE A 339 9.11 14.15 0.88
CA ILE A 339 8.86 15.52 1.35
C ILE A 339 9.96 16.49 0.91
N HIS A 340 9.55 17.57 0.24
CA HIS A 340 10.49 18.55 -0.25
C HIS A 340 10.19 19.97 0.29
N THR A 341 11.19 20.64 0.88
CA THR A 341 11.07 22.07 1.24
C THR A 341 12.13 22.88 0.50
N GLU A 342 13.40 22.50 0.69
CA GLU A 342 14.53 23.14 0.00
C GLU A 342 14.85 22.52 -1.37
N THR A 343 15.05 21.20 -1.43
CA THR A 343 15.40 20.53 -2.68
C THR A 343 14.18 20.40 -3.57
N PRO A 344 14.34 20.66 -4.88
CA PRO A 344 13.17 20.42 -5.71
C PRO A 344 12.89 18.92 -5.75
N LEU A 345 11.63 18.57 -6.01
CA LEU A 345 11.14 17.21 -5.97
C LEU A 345 11.76 16.36 -7.06
N LEU A 346 11.84 16.89 -8.27
CA LEU A 346 12.37 16.13 -9.37
C LEU A 346 13.85 15.83 -9.14
N ASP A 347 14.49 16.63 -8.30
CA ASP A 347 15.89 16.34 -8.01
C ASP A 347 15.97 15.29 -6.94
N LEU A 348 15.04 15.34 -5.97
CA LEU A 348 14.96 14.31 -4.94
C LEU A 348 14.69 12.95 -5.57
N MET A 349 13.79 12.92 -6.55
CA MET A 349 13.31 11.66 -7.07
C MET A 349 14.35 11.05 -7.99
N SER A 350 15.08 11.93 -8.66
CA SER A 350 16.24 11.49 -9.40
C SER A 350 17.22 10.77 -8.50
N ASP A 351 17.37 11.22 -7.25
CA ASP A 351 18.28 10.57 -6.30
C ASP A 351 17.66 9.26 -5.77
N ALA A 352 16.33 9.24 -5.68
CA ALA A 352 15.62 8.03 -5.24
C ALA A 352 15.86 6.93 -6.24
N LEU A 353 15.77 7.28 -7.54
CA LEU A 353 16.01 6.30 -8.61
C LEU A 353 17.43 5.78 -8.57
N ILE A 354 18.38 6.70 -8.60
CA ILE A 354 19.78 6.35 -8.45
C ILE A 354 19.92 5.43 -7.22
N LEU A 355 19.47 5.86 -6.05
CA LEU A 355 19.65 5.01 -4.86
C LEU A 355 19.09 3.59 -4.98
N ALA A 356 17.89 3.46 -5.57
CA ALA A 356 17.25 2.18 -5.76
C ALA A 356 18.04 1.33 -6.78
N LYS A 357 18.46 1.94 -7.87
CA LYS A 357 19.26 1.27 -8.89
C LYS A 357 20.46 0.62 -8.25
N SER A 358 21.29 1.45 -7.60
CA SER A 358 22.48 1.00 -6.87
C SER A 358 22.25 0.05 -5.70
N LYS A 359 21.00 -0.34 -5.45
CA LYS A 359 20.69 -1.31 -4.40
C LYS A 359 20.19 -2.57 -5.05
N GLY A 360 20.25 -2.61 -6.38
CA GLY A 360 19.89 -3.81 -7.15
C GLY A 360 18.42 -4.02 -7.40
N PHE A 361 17.61 -2.97 -7.27
CA PHE A 361 16.19 -3.08 -7.59
C PHE A 361 16.09 -3.08 -9.07
N ASP A 362 15.05 -3.71 -9.63
CA ASP A 362 14.82 -3.72 -11.06
C ASP A 362 13.80 -2.70 -11.54
N VAL A 363 12.94 -2.23 -10.64
CA VAL A 363 11.82 -1.35 -11.08
C VAL A 363 11.40 -0.41 -9.96
N PHE A 364 11.17 0.85 -10.29
CA PHE A 364 10.77 1.82 -9.27
C PHE A 364 9.32 2.07 -9.56
N ASN A 365 8.46 1.88 -8.56
CA ASN A 365 7.02 2.05 -8.75
C ASN A 365 6.47 3.22 -7.94
N ALA A 366 5.58 3.99 -8.55
CA ALA A 366 4.99 5.13 -7.89
C ALA A 366 3.57 5.33 -8.36
N LEU A 367 2.70 5.80 -7.49
CA LEU A 367 1.34 6.12 -7.91
C LEU A 367 1.31 7.58 -8.40
N ASP A 368 0.22 8.01 -9.01
CA ASP A 368 0.14 9.38 -9.54
C ASP A 368 -0.54 10.31 -8.55
N LEU A 369 -0.53 9.91 -7.29
CA LEU A 369 -1.04 10.74 -6.22
C LEU A 369 0.01 11.78 -5.77
N MET A 370 -0.38 12.55 -4.77
CA MET A 370 0.40 13.72 -4.38
C MET A 370 0.88 14.52 -5.58
N GLU A 371 2.13 14.96 -5.57
CA GLU A 371 2.62 15.75 -6.69
C GLU A 371 3.35 14.89 -7.71
N ASN A 372 3.23 13.57 -7.59
CA ASN A 372 4.06 12.66 -8.41
C ASN A 372 3.92 12.86 -9.91
N LYS A 373 2.78 13.37 -10.35
CA LYS A 373 2.64 13.68 -11.78
C LYS A 373 3.69 14.68 -12.23
N THR A 374 4.14 15.55 -11.33
CA THR A 374 5.18 16.55 -11.69
C THR A 374 6.55 15.95 -12.11
N PHE A 375 6.79 14.64 -11.87
CA PHE A 375 8.05 14.00 -12.34
C PHE A 375 7.97 12.74 -13.23
N LEU A 376 6.87 11.99 -13.11
CA LEU A 376 6.74 10.68 -13.74
C LEU A 376 7.29 10.68 -15.15
N GLU A 377 6.64 11.45 -16.02
CA GLU A 377 7.10 11.57 -17.41
C GLU A 377 8.54 12.02 -17.56
N LYS A 378 9.00 12.93 -16.69
CA LYS A 378 10.36 13.48 -16.80
C LYS A 378 11.44 12.53 -16.32
N LEU A 379 11.11 11.66 -15.38
CA LEU A 379 12.08 10.66 -14.96
C LEU A 379 11.91 9.35 -15.70
N LYS A 380 11.24 9.43 -16.86
CA LYS A 380 11.02 8.30 -17.77
C LYS A 380 10.23 7.12 -17.15
N PHE A 381 9.32 7.43 -16.25
CA PHE A 381 8.40 6.41 -15.84
C PHE A 381 7.52 6.14 -17.04
N GLY A 382 7.00 4.90 -17.13
CA GLY A 382 5.94 4.59 -18.07
C GLY A 382 4.68 4.25 -17.30
N ILE A 383 3.51 4.52 -17.87
CA ILE A 383 2.25 4.18 -17.22
C ILE A 383 1.98 2.66 -17.29
N GLY A 384 1.32 2.13 -16.26
CA GLY A 384 1.05 0.68 -16.14
C GLY A 384 -0.42 0.32 -16.14
N ASP A 385 -0.72 -0.97 -16.25
CA ASP A 385 -2.13 -1.42 -16.32
C ASP A 385 -2.85 -1.41 -14.98
N GLY A 386 -4.14 -1.14 -15.04
CA GLY A 386 -4.97 -1.19 -13.84
C GLY A 386 -4.89 0.02 -12.92
N ASN A 387 -5.96 0.21 -12.16
CA ASN A 387 -6.12 1.29 -11.24
C ASN A 387 -5.96 0.81 -9.82
N LEU A 388 -5.74 1.76 -8.92
CA LEU A 388 -5.83 1.54 -7.50
C LEU A 388 -6.84 2.54 -7.08
N GLN A 389 -7.96 2.01 -6.57
CA GLN A 389 -9.05 2.78 -5.98
CA GLN A 389 -9.03 2.80 -6.00
C GLN A 389 -8.73 3.01 -4.53
N TYR A 390 -9.10 4.19 -4.01
CA TYR A 390 -8.96 4.52 -2.60
C TYR A 390 -10.36 4.57 -2.06
N TYR A 391 -10.58 4.10 -0.82
CA TYR A 391 -11.92 4.01 -0.27
C TYR A 391 -11.92 4.35 1.17
N LEU A 392 -13.05 4.86 1.63
CA LEU A 392 -13.34 5.12 3.03
C LEU A 392 -14.54 4.27 3.44
N TYR A 393 -14.59 3.94 4.72
CA TYR A 393 -15.73 3.21 5.24
C TYR A 393 -16.51 4.09 6.22
N ASN A 394 -17.79 4.31 5.90
CA ASN A 394 -18.69 5.09 6.74
C ASN A 394 -18.33 6.57 6.71
N TRP A 395 -18.04 7.07 5.51
CA TRP A 395 -17.76 8.49 5.33
C TRP A 395 -18.05 8.95 3.91
N ARG A 396 -18.91 9.96 3.78
CA ARG A 396 -19.20 10.52 2.46
C ARG A 396 -18.39 11.79 2.20
N CYS A 397 -17.89 11.93 0.98
CA CYS A 397 -17.22 13.15 0.59
C CYS A 397 -17.03 13.06 -0.89
N PRO A 398 -16.91 14.22 -1.55
CA PRO A 398 -16.75 14.20 -3.01
C PRO A 398 -15.46 13.52 -3.40
N GLY A 399 -15.43 12.96 -4.61
CA GLY A 399 -14.25 12.25 -5.12
C GLY A 399 -13.19 13.16 -5.73
N THR A 400 -12.05 13.30 -5.06
CA THR A 400 -11.01 14.18 -5.57
C THR A 400 -9.98 13.50 -6.48
N ASP A 401 -9.11 14.28 -7.12
CA ASP A 401 -8.16 13.70 -8.08
C ASP A 401 -7.03 12.91 -7.41
N SER A 402 -6.33 12.10 -8.20
CA SER A 402 -5.13 11.40 -7.74
C SER A 402 -4.20 12.39 -7.03
N GLU A 403 -3.84 13.47 -7.75
CA GLU A 403 -3.00 14.58 -7.22
C GLU A 403 -3.40 15.10 -5.83
N LYS A 404 -4.65 14.92 -5.41
CA LYS A 404 -5.02 15.39 -4.06
C LYS A 404 -4.99 14.34 -2.98
N VAL A 405 -4.53 13.14 -3.32
CA VAL A 405 -4.41 12.03 -2.40
C VAL A 405 -2.99 12.06 -1.80
N GLY A 406 -2.91 12.18 -0.48
CA GLY A 406 -1.64 12.14 0.23
C GLY A 406 -1.58 11.00 1.24
N LEU A 407 -2.11 9.83 0.86
CA LEU A 407 -1.99 8.62 1.69
C LEU A 407 -1.41 7.44 0.88
N VAL A 408 -0.44 6.74 1.49
CA VAL A 408 0.23 5.58 0.89
C VAL A 408 0.17 4.40 1.85
N LEU A 409 -0.35 3.27 1.36
CA LEU A 409 -0.42 2.04 2.17
C LEU A 409 0.48 0.94 1.56
N GLN A 410 1.08 0.12 2.42
CA GLN A 410 1.85 -1.07 2.03
C GLN A 410 1.07 -2.16 1.31
MG MG B . -14.88 -17.24 -0.71
S1 NHW C . -6.96 -5.07 -1.71
C2 NHW C . -6.36 -6.81 -1.62
C3 NHW C . -7.52 -7.82 -1.65
N4 NHW C . -7.00 -9.22 -1.67
C5 NHW C . -6.67 -9.88 -2.79
O5 NHW C . -6.82 -9.43 -3.92
C6 NHW C . -6.10 -11.31 -2.62
C7 NHW C . -6.48 -12.15 -3.86
N8 NHW C . -7.95 -12.24 -3.81
C9 NHW C . -8.53 -12.79 -2.75
O9 NHW C . -7.92 -13.31 -1.84
CP NHW C . -6.21 -4.43 -0.13
C10 NHW C . -10.04 -12.85 -2.73
O10 NHW C . -10.55 -12.89 -4.05
C11 NHW C . -10.69 -11.76 -1.88
C12 NHW C . -12.19 -11.99 -1.93
C13 NHW C . -10.40 -10.34 -2.34
C14 NHW C . -10.17 -11.92 -0.47
N1A NHW C . -12.30 -5.56 -0.97
O1A NHW C . -16.94 -14.73 -2.72
P1A NHW C . -16.02 -13.95 -1.83
C1M NHW C . -6.97 -4.88 1.12
O1M NHW C . -6.68 -5.92 1.72
C1X NHW C . -16.21 -8.59 -2.35
C2A NHW C . -13.51 -5.62 -0.44
O2A NHW C . -15.49 -14.64 -0.61
P2A NHW C . -13.49 -14.14 -2.90
C2M NHW C . -8.16 -4.05 1.59
C2X NHW C . -16.93 -8.83 -3.66
O2X NHW C . -17.23 -7.55 -4.22
N3A NHW C . -14.42 -6.46 -0.92
O3A NHW C . -14.83 -13.38 -2.60
C3M NHW C . -9.35 -4.94 1.89
C3X NHW C . -18.18 -9.53 -3.12
O3X NHW C . -19.04 -8.50 -2.54
P3X NHW C . -20.45 -8.03 -3.32
C4A NHW C . -14.13 -7.26 -1.96
O4A NHW C . -13.58 -15.59 -2.59
C4M NHW C . -10.61 -4.05 2.08
C4X NHW C . -17.59 -10.43 -2.03
O4X NHW C . -16.27 -9.87 -1.71
C5A NHW C . -12.86 -7.22 -2.50
O5A NHW C . -13.04 -13.71 -4.20
C5M NHW C . -11.71 -4.89 2.79
C5X NHW C . -17.22 -11.82 -2.53
O5X NHW C . -16.78 -12.65 -1.47
C6A NHW C . -11.94 -6.35 -1.99
N6A NHW C . -10.71 -6.29 -2.51
O6A NHW C . -12.42 -13.40 -1.90
C6M NHW C . -12.93 -4.01 3.17
N7A NHW C . -12.81 -8.12 -3.48
O7A NHW C . -21.02 -6.84 -2.44
C7M NHW C . -12.72 -3.31 4.56
C8A NHW C . -14.02 -8.71 -3.55
O8A NHW C . -20.08 -7.41 -4.76
C8M NHW C . -13.85 -2.30 4.88
N9A NHW C . -14.82 -8.20 -2.62
O9A NHW C . -21.33 -9.20 -3.56
C9M NHW C . -13.76 -1.76 6.31
CAM NHW C . -13.49 -2.87 7.34
CBM NHW C . -13.21 -2.33 8.76
CCM NHW C . -14.07 -1.09 9.14
CDM NHW C . -13.66 -0.53 10.51
CEM NHW C . -14.53 0.71 10.87
#